data_1STR
#
_entry.id   1STR
#
_cell.length_a   96.740
_cell.length_b   106.040
_cell.length_c   48.390
_cell.angle_alpha   90.00
_cell.angle_beta   90.00
_cell.angle_gamma   90.00
#
_symmetry.space_group_name_H-M   'I 2 2 2'
#
loop_
_entity.id
_entity.type
_entity.pdbx_description
1 polymer STREPTAVIDIN
2 polymer AC-CHPQNT-NH2
3 water water
#
loop_
_entity_poly.entity_id
_entity_poly.type
_entity_poly.pdbx_seq_one_letter_code
_entity_poly.pdbx_strand_id
1 'polypeptide(L)'
;AEAGITGTWYNQLGSTFIVTAGADGALTGTYESAVGNAESRYVLTGRYDSAPATDGSGTALGWTVAWKNNYRNAHSATTW
SGQYVGGAEARINTQWLLTSGTTEANAWKSTLVGHDTFTKVKP
;
B,D
2 'polypeptide(L)' (ACE)CHPQNT(NH2) M,P
#
loop_
_chem_comp.id
_chem_comp.type
_chem_comp.name
_chem_comp.formula
ACE non-polymer 'ACETYL GROUP' 'C2 H4 O'
NH2 non-polymer 'AMINO GROUP' 'H2 N'
#
# COMPACT_ATOMS: atom_id res chain seq x y z
N ALA A 1 -11.97 -14.82 2.49
CA ALA A 1 -12.91 -15.19 1.45
C ALA A 1 -13.34 -13.90 0.76
N GLU A 2 -12.87 -13.58 -0.45
CA GLU A 2 -13.20 -12.34 -1.17
C GLU A 2 -14.56 -11.65 -0.99
N ALA A 3 -15.62 -12.45 -0.88
CA ALA A 3 -16.97 -11.97 -0.69
C ALA A 3 -17.14 -11.10 0.56
N GLY A 4 -16.55 -11.53 1.70
CA GLY A 4 -16.63 -10.79 2.96
C GLY A 4 -15.96 -9.40 2.90
N ILE A 5 -14.84 -9.24 2.15
CA ILE A 5 -14.17 -7.97 2.05
C ILE A 5 -14.90 -7.01 1.13
N THR A 6 -15.45 -7.52 0.04
CA THR A 6 -16.16 -6.74 -0.95
C THR A 6 -17.36 -6.05 -0.29
N GLY A 7 -17.49 -4.75 -0.53
CA GLY A 7 -18.56 -3.94 0.03
C GLY A 7 -18.13 -2.47 0.23
N THR A 8 -18.97 -1.74 0.97
CA THR A 8 -18.79 -0.32 1.32
C THR A 8 -18.47 -0.33 2.80
N TRP A 9 -17.37 0.30 3.16
CA TRP A 9 -16.88 0.41 4.52
C TRP A 9 -16.73 1.86 4.97
N TYR A 10 -16.71 2.19 6.26
CA TYR A 10 -16.53 3.60 6.66
C TYR A 10 -15.63 3.67 7.85
N ASN A 11 -14.80 4.69 7.99
CA ASN A 11 -13.94 4.75 9.16
C ASN A 11 -14.47 5.70 10.20
N GLN A 12 -13.86 5.76 11.38
CA GLN A 12 -14.31 6.67 12.45
C GLN A 12 -14.40 8.18 12.10
N LEU A 13 -13.72 8.67 11.06
CA LEU A 13 -13.81 10.07 10.71
C LEU A 13 -14.85 10.26 9.64
N GLY A 14 -15.60 9.27 9.16
CA GLY A 14 -16.60 9.50 8.14
C GLY A 14 -16.15 9.37 6.70
N SER A 15 -14.94 8.84 6.45
CA SER A 15 -14.46 8.62 5.09
C SER A 15 -15.05 7.23 4.61
N THR A 16 -15.35 7.17 3.31
CA THR A 16 -15.92 6.05 2.55
C THR A 16 -14.87 5.27 1.74
N PHE A 17 -14.92 3.95 1.81
CA PHE A 17 -14.03 3.06 1.08
C PHE A 17 -14.97 2.01 0.39
N ILE A 18 -15.00 1.97 -0.97
CA ILE A 18 -15.81 1.02 -1.78
C ILE A 18 -14.77 0.03 -2.39
N VAL A 19 -14.78 -1.28 -2.14
CA VAL A 19 -13.74 -2.19 -2.64
C VAL A 19 -14.25 -3.46 -3.26
N THR A 20 -13.61 -4.10 -4.23
CA THR A 20 -14.05 -5.39 -4.72
C THR A 20 -12.81 -6.29 -4.60
N ALA A 21 -12.94 -7.50 -4.04
CA ALA A 21 -11.80 -8.41 -3.92
C ALA A 21 -11.91 -9.47 -5.05
N GLY A 22 -10.90 -9.59 -5.92
CA GLY A 22 -10.94 -10.56 -7.02
C GLY A 22 -10.32 -11.89 -6.57
N ALA A 23 -10.64 -13.02 -7.18
CA ALA A 23 -10.09 -14.32 -6.77
C ALA A 23 -8.56 -14.58 -6.86
N ASP A 24 -7.80 -13.73 -7.58
CA ASP A 24 -6.36 -13.80 -7.72
C ASP A 24 -5.66 -12.98 -6.62
N GLY A 25 -6.36 -12.42 -5.65
CA GLY A 25 -5.76 -11.60 -4.58
C GLY A 25 -5.83 -10.10 -4.88
N ALA A 26 -6.38 -9.60 -5.97
CA ALA A 26 -6.41 -8.16 -6.22
C ALA A 26 -7.51 -7.39 -5.50
N LEU A 27 -7.22 -6.13 -5.12
CA LEU A 27 -8.19 -5.23 -4.47
C LEU A 27 -8.26 -3.99 -5.37
N THR A 28 -9.46 -3.51 -5.68
CA THR A 28 -9.69 -2.33 -6.51
C THR A 28 -10.89 -1.61 -5.96
N GLY A 29 -10.93 -0.31 -6.14
CA GLY A 29 -12.04 0.48 -5.65
C GLY A 29 -11.74 1.98 -5.62
N THR A 30 -12.50 2.67 -4.78
CA THR A 30 -12.44 4.09 -4.58
C THR A 30 -12.56 4.43 -3.11
N TYR A 31 -11.89 5.55 -2.82
CA TYR A 31 -11.80 6.17 -1.49
C TYR A 31 -12.38 7.58 -1.55
N GLU A 32 -13.15 7.97 -0.53
CA GLU A 32 -13.76 9.29 -0.44
C GLU A 32 -13.81 9.85 1.00
N SER A 33 -13.61 11.15 1.28
CA SER A 33 -13.72 11.68 2.65
C SER A 33 -15.20 12.02 2.97
N ALA A 34 -15.63 12.51 4.17
CA ALA A 34 -17.03 12.82 4.54
C ALA A 34 -17.79 13.92 3.82
N VAL A 35 -17.07 14.73 3.04
CA VAL A 35 -17.71 15.80 2.31
C VAL A 35 -18.62 15.18 1.25
N GLY A 36 -18.34 13.91 0.92
CA GLY A 36 -19.11 13.19 -0.05
C GLY A 36 -18.81 13.76 -1.40
N ASN A 37 -19.88 13.92 -2.19
CA ASN A 37 -19.81 14.46 -3.54
C ASN A 37 -18.91 13.61 -4.45
N ALA A 38 -18.85 13.96 -5.73
CA ALA A 38 -18.04 13.24 -6.69
C ALA A 38 -16.58 13.36 -6.35
N GLU A 39 -15.99 14.54 -6.17
CA GLU A 39 -14.57 14.47 -5.91
C GLU A 39 -13.58 15.00 -4.87
N SER A 40 -13.87 13.92 -4.19
CA SER A 40 -13.20 13.57 -3.00
C SER A 40 -12.97 12.10 -3.38
N ARG A 41 -13.24 11.63 -4.61
CA ARG A 41 -13.01 10.26 -5.02
C ARG A 41 -11.68 10.00 -5.69
N TYR A 42 -10.92 9.09 -5.09
CA TYR A 42 -9.64 8.69 -5.63
C TYR A 42 -9.59 7.16 -5.83
N VAL A 43 -8.83 6.69 -6.80
CA VAL A 43 -8.66 5.29 -7.13
C VAL A 43 -7.73 4.69 -6.10
N LEU A 44 -8.07 3.41 -5.76
CA LEU A 44 -7.24 2.61 -4.85
C LEU A 44 -6.93 1.23 -5.49
N THR A 45 -5.75 0.67 -5.20
CA THR A 45 -5.31 -0.63 -5.67
C THR A 45 -4.58 -1.27 -4.49
N GLY A 46 -4.79 -2.57 -4.31
CA GLY A 46 -4.21 -3.32 -3.22
C GLY A 46 -4.24 -4.82 -3.54
N ARG A 47 -3.82 -5.60 -2.54
CA ARG A 47 -3.68 -7.07 -2.52
C ARG A 47 -4.16 -7.62 -1.15
N TYR A 48 -4.65 -8.84 -1.12
CA TYR A 48 -5.05 -9.46 0.12
C TYR A 48 -4.67 -10.93 0.02
N ASP A 49 -4.68 -11.66 1.14
CA ASP A 49 -4.36 -13.11 1.14
C ASP A 49 -5.69 -13.86 0.76
N SER A 50 -5.78 -14.39 -0.47
CA SER A 50 -7.00 -15.11 -0.93
C SER A 50 -7.13 -16.48 -0.31
N ALA A 51 -6.12 -17.02 0.40
CA ALA A 51 -6.22 -18.32 1.04
C ALA A 51 -5.82 -18.23 2.53
N PRO A 52 -6.56 -17.55 3.43
CA PRO A 52 -6.20 -17.30 4.84
C PRO A 52 -6.18 -18.56 5.73
N ALA A 53 -5.52 -18.46 6.88
CA ALA A 53 -5.46 -19.61 7.78
C ALA A 53 -6.87 -19.79 8.31
N THR A 54 -7.27 -20.99 8.73
CA THR A 54 -8.60 -21.18 9.26
C THR A 54 -8.63 -20.50 10.64
N ASP A 55 -8.89 -21.21 11.78
CA ASP A 55 -8.88 -20.59 13.10
C ASP A 55 -9.86 -19.41 13.14
N GLY A 56 -9.62 -18.46 14.02
CA GLY A 56 -10.42 -17.25 14.08
C GLY A 56 -9.40 -16.14 13.77
N SER A 57 -8.42 -16.48 12.91
CA SER A 57 -7.33 -15.64 12.45
C SER A 57 -7.82 -14.60 11.45
N GLY A 58 -7.27 -13.38 11.42
CA GLY A 58 -7.73 -12.40 10.44
C GLY A 58 -7.08 -12.61 9.06
N THR A 59 -7.52 -11.93 7.99
CA THR A 59 -6.97 -12.04 6.64
C THR A 59 -6.09 -10.77 6.45
N ALA A 60 -4.84 -10.89 6.09
CA ALA A 60 -3.95 -9.75 5.89
C ALA A 60 -4.21 -9.09 4.54
N LEU A 61 -4.16 -7.74 4.45
CA LEU A 61 -4.42 -7.01 3.22
C LEU A 61 -3.71 -5.69 3.30
N GLY A 62 -3.64 -4.94 2.22
CA GLY A 62 -3.02 -3.63 2.21
C GLY A 62 -3.50 -2.90 0.95
N TRP A 63 -3.57 -1.55 0.90
CA TRP A 63 -3.95 -0.83 -0.32
C TRP A 63 -3.28 0.55 -0.28
N THR A 64 -3.09 1.20 -1.45
CA THR A 64 -2.48 2.53 -1.65
C THR A 64 -3.46 3.50 -2.37
N VAL A 65 -3.44 4.79 -2.05
CA VAL A 65 -4.23 5.81 -2.75
C VAL A 65 -3.20 6.95 -3.04
N ALA A 66 -3.00 7.51 -4.25
CA ALA A 66 -2.10 8.64 -4.53
C ALA A 66 -3.22 9.70 -4.61
N TRP A 67 -3.02 10.76 -3.83
CA TRP A 67 -4.00 11.84 -3.72
C TRP A 67 -4.04 12.85 -4.88
N LYS A 68 -4.31 12.32 -6.07
CA LYS A 68 -4.45 13.09 -7.25
C LYS A 68 -5.62 12.48 -7.99
N ASN A 69 -6.54 13.34 -8.44
CA ASN A 69 -7.66 12.91 -9.27
C ASN A 69 -7.81 14.03 -10.32
N ASN A 70 -8.93 14.16 -11.02
CA ASN A 70 -9.04 15.24 -12.03
C ASN A 70 -9.39 16.64 -11.52
N TYR A 71 -9.59 16.84 -10.22
CA TYR A 71 -9.94 18.12 -9.61
C TYR A 71 -8.84 18.60 -8.68
N ARG A 72 -8.03 17.76 -8.04
CA ARG A 72 -7.01 18.21 -7.13
C ARG A 72 -5.81 17.29 -7.15
N ASN A 73 -4.70 17.82 -6.66
CA ASN A 73 -3.49 17.05 -6.55
C ASN A 73 -2.83 17.58 -5.28
N ALA A 74 -2.83 16.72 -4.27
CA ALA A 74 -2.19 17.03 -3.02
C ALA A 74 -0.73 16.58 -3.04
N HIS A 75 -0.14 15.98 -4.08
CA HIS A 75 1.28 15.55 -4.08
C HIS A 75 1.72 14.67 -2.88
N SER A 76 0.94 13.63 -2.64
CA SER A 76 1.17 12.72 -1.52
C SER A 76 0.43 11.40 -1.80
N ALA A 77 0.79 10.33 -1.07
CA ALA A 77 0.18 9.00 -1.20
C ALA A 77 0.12 8.40 0.21
N THR A 78 -0.93 7.65 0.46
CA THR A 78 -1.16 6.95 1.73
C THR A 78 -1.24 5.43 1.46
N THR A 79 -0.67 4.58 2.34
CA THR A 79 -0.76 3.13 2.25
C THR A 79 -1.36 2.67 3.57
N TRP A 80 -2.36 1.80 3.58
CA TRP A 80 -2.96 1.26 4.80
C TRP A 80 -2.54 -0.20 4.80
N SER A 81 -2.14 -0.75 5.93
CA SER A 81 -1.74 -2.14 6.05
C SER A 81 -2.50 -2.67 7.30
N GLY A 82 -3.24 -3.81 7.25
CA GLY A 82 -3.96 -4.36 8.41
C GLY A 82 -4.60 -5.71 8.16
N GLN A 83 -5.71 -5.97 8.84
CA GLN A 83 -6.40 -7.26 8.70
C GLN A 83 -7.89 -7.16 8.87
N TYR A 84 -8.52 -7.98 8.03
CA TYR A 84 -9.96 -8.14 7.93
C TYR A 84 -10.35 -9.22 8.94
N VAL A 85 -11.31 -8.93 9.77
CA VAL A 85 -11.78 -9.86 10.77
C VAL A 85 -13.27 -9.98 10.51
N GLY A 86 -13.75 -11.17 10.08
CA GLY A 86 -15.18 -11.37 9.81
C GLY A 86 -15.96 -11.79 11.06
N GLY A 87 -17.28 -11.95 10.99
CA GLY A 87 -18.10 -12.35 12.12
C GLY A 87 -19.39 -11.56 12.05
N ALA A 88 -20.07 -11.29 13.18
CA ALA A 88 -21.34 -10.55 13.20
C ALA A 88 -21.06 -9.17 12.61
N GLU A 89 -20.14 -8.48 13.29
CA GLU A 89 -19.73 -7.16 12.85
C GLU A 89 -18.31 -7.33 12.28
N ALA A 90 -18.20 -7.27 10.96
CA ALA A 90 -16.91 -7.41 10.34
C ALA A 90 -16.18 -6.06 10.45
N ARG A 91 -14.86 -6.08 10.65
CA ARG A 91 -14.07 -4.87 10.77
C ARG A 91 -12.76 -5.05 10.04
N ILE A 92 -12.18 -3.94 9.61
CA ILE A 92 -10.85 -3.98 8.99
C ILE A 92 -10.07 -3.05 9.94
N ASN A 93 -9.05 -3.59 10.62
CA ASN A 93 -8.27 -2.75 11.50
C ASN A 93 -6.99 -2.40 10.77
N THR A 94 -6.55 -1.13 10.72
CA THR A 94 -5.32 -0.79 9.99
C THR A 94 -4.43 0.23 10.71
N GLN A 95 -3.25 0.35 10.10
CA GLN A 95 -2.26 1.36 10.44
C GLN A 95 -1.91 1.95 9.08
N TRP A 96 -1.64 3.25 8.93
CA TRP A 96 -1.33 3.87 7.65
C TRP A 96 -0.13 4.78 7.76
N LEU A 97 0.47 5.02 6.57
CA LEU A 97 1.63 5.90 6.38
C LEU A 97 1.37 6.90 5.22
N LEU A 98 1.33 8.19 5.50
CA LEU A 98 1.11 9.24 4.51
C LEU A 98 2.41 9.94 4.15
N THR A 99 2.92 9.79 2.95
CA THR A 99 4.15 10.49 2.55
C THR A 99 3.92 11.63 1.55
N SER A 100 4.45 12.83 1.79
CA SER A 100 4.32 13.95 0.89
C SER A 100 5.58 14.14 0.07
N GLY A 101 5.52 14.67 -1.17
CA GLY A 101 6.72 14.90 -1.98
C GLY A 101 7.39 16.13 -1.37
N THR A 102 8.64 16.03 -0.90
CA THR A 102 9.33 17.20 -0.33
C THR A 102 10.70 17.43 -0.99
N THR A 103 11.38 18.53 -0.61
CA THR A 103 12.69 18.77 -1.16
C THR A 103 13.58 17.93 -0.27
N GLU A 104 14.83 17.70 -0.66
CA GLU A 104 15.78 16.89 0.15
C GLU A 104 15.97 17.39 1.59
N ALA A 105 16.00 18.71 1.73
CA ALA A 105 16.18 19.31 3.04
C ALA A 105 15.02 19.06 4.02
N ASN A 106 13.81 18.84 3.54
CA ASN A 106 12.69 18.58 4.44
C ASN A 106 12.26 17.14 4.41
N ALA A 107 13.03 16.29 3.77
CA ALA A 107 12.65 14.88 3.65
C ALA A 107 12.55 14.20 4.99
N TRP A 108 13.28 14.63 6.04
CA TRP A 108 13.20 13.96 7.34
C TRP A 108 11.81 14.07 7.95
N LYS A 109 10.99 15.03 7.53
CA LYS A 109 9.68 15.14 8.11
C LYS A 109 8.60 14.95 7.07
N SER A 110 8.81 14.04 6.13
CA SER A 110 7.80 13.78 5.07
C SER A 110 6.59 12.84 5.31
N THR A 111 6.70 11.99 6.31
CA THR A 111 5.74 10.93 6.62
C THR A 111 4.99 10.94 7.95
N LEU A 112 3.66 10.91 7.84
CA LEU A 112 2.78 10.86 8.98
C LEU A 112 2.36 9.39 9.18
N VAL A 113 2.08 8.93 10.40
CA VAL A 113 1.64 7.54 10.72
C VAL A 113 0.36 7.69 11.57
N GLY A 114 -0.56 6.75 11.48
CA GLY A 114 -1.81 6.79 12.22
C GLY A 114 -2.51 5.46 12.13
N HIS A 115 -3.76 5.37 12.58
CA HIS A 115 -4.52 4.14 12.54
C HIS A 115 -6.01 4.37 12.28
N ASP A 116 -6.65 3.47 11.51
CA ASP A 116 -8.05 3.53 11.13
C ASP A 116 -8.84 2.21 11.32
N THR A 117 -10.12 2.28 11.72
CA THR A 117 -11.01 1.12 11.88
C THR A 117 -12.20 1.35 10.96
N PHE A 118 -12.50 0.38 10.14
CA PHE A 118 -13.57 0.43 9.18
C PHE A 118 -14.64 -0.58 9.60
N THR A 119 -15.89 -0.16 9.49
CA THR A 119 -17.07 -0.94 9.83
C THR A 119 -17.80 -1.08 8.50
N LYS A 120 -18.36 -2.26 8.23
CA LYS A 120 -19.05 -2.51 6.97
C LYS A 120 -20.53 -2.14 6.96
N VAL A 121 -20.97 -1.60 5.84
CA VAL A 121 -22.36 -1.19 5.67
C VAL A 121 -23.25 -1.75 4.54
N LYS A 122 -22.59 -2.20 3.48
CA LYS A 122 -23.21 -2.78 2.29
C LYS A 122 -22.16 -3.72 1.73
N PRO A 123 -22.53 -4.81 1.05
CA PRO A 123 -21.75 -5.38 -0.05
C PRO A 123 -21.78 -4.55 -1.33
N ALA B 1 12.94 11.62 -12.76
CA ALA B 1 11.69 12.35 -12.75
C ALA B 1 10.68 11.37 -13.32
N GLU B 2 9.38 11.55 -13.06
CA GLU B 2 8.28 10.71 -13.52
C GLU B 2 8.60 9.29 -13.99
N ALA B 3 8.60 8.97 -15.29
CA ALA B 3 8.88 7.64 -15.82
C ALA B 3 10.19 6.97 -15.39
N GLY B 4 11.12 7.72 -14.78
CA GLY B 4 12.40 7.19 -14.32
C GLY B 4 12.22 6.08 -13.29
N ILE B 5 10.99 5.96 -12.77
CA ILE B 5 10.63 4.91 -11.82
C ILE B 5 10.66 3.53 -12.50
N THR B 6 10.25 3.45 -13.78
CA THR B 6 10.24 2.19 -14.45
C THR B 6 11.65 1.67 -14.54
N GLY B 7 11.80 0.42 -14.11
CA GLY B 7 13.08 -0.26 -14.11
C GLY B 7 13.19 -1.34 -13.03
N THR B 8 14.45 -1.73 -12.77
CA THR B 8 14.84 -2.73 -11.77
C THR B 8 15.64 -2.05 -10.66
N TRP B 9 15.14 -2.17 -9.45
CA TRP B 9 15.71 -1.52 -8.27
C TRP B 9 16.09 -2.60 -7.27
N TYR B 10 17.03 -2.32 -6.37
CA TYR B 10 17.50 -3.26 -5.36
C TYR B 10 17.55 -2.56 -4.01
N ASN B 11 17.11 -3.21 -2.91
CA ASN B 11 17.22 -2.53 -1.62
C ASN B 11 18.55 -2.99 -1.05
N GLN B 12 18.88 -2.47 0.11
CA GLN B 12 20.11 -2.78 0.82
C GLN B 12 20.33 -4.21 1.27
N LEU B 13 19.33 -5.08 1.16
CA LEU B 13 19.42 -6.48 1.54
C LEU B 13 19.43 -7.39 0.31
N GLY B 14 19.51 -6.84 -0.91
CA GLY B 14 19.55 -7.63 -2.14
C GLY B 14 18.22 -8.03 -2.74
N SER B 15 17.08 -7.67 -2.16
CA SER B 15 15.76 -7.98 -2.72
C SER B 15 15.62 -7.17 -4.01
N THR B 16 14.98 -7.66 -5.05
CA THR B 16 14.86 -6.96 -6.31
C THR B 16 13.41 -6.54 -6.48
N PHE B 17 13.10 -5.36 -6.99
CA PHE B 17 11.74 -4.88 -7.20
C PHE B 17 11.74 -4.38 -8.65
N ILE B 18 10.96 -5.00 -9.54
CA ILE B 18 10.87 -4.63 -10.94
C ILE B 18 9.52 -3.94 -11.12
N VAL B 19 9.43 -2.70 -11.59
CA VAL B 19 8.17 -1.97 -11.74
C VAL B 19 7.94 -1.31 -13.09
N THR B 20 6.66 -1.16 -13.49
CA THR B 20 6.26 -0.44 -14.71
C THR B 20 5.37 0.70 -14.18
N ALA B 21 5.69 1.95 -14.50
CA ALA B 21 4.87 3.06 -14.05
C ALA B 21 3.99 3.51 -15.24
N GLY B 22 2.67 3.44 -15.03
CA GLY B 22 1.67 3.84 -16.04
C GLY B 22 1.49 5.36 -16.11
N ALA B 23 1.30 5.93 -17.31
CA ALA B 23 1.13 7.39 -17.45
C ALA B 23 0.13 8.05 -16.50
N ASP B 24 -0.91 7.35 -16.13
CA ASP B 24 -1.88 7.92 -15.23
C ASP B 24 -1.79 7.57 -13.75
N GLY B 25 -0.67 7.06 -13.28
CA GLY B 25 -0.59 6.78 -11.86
C GLY B 25 -0.49 5.34 -11.42
N ALA B 26 -0.61 4.31 -12.26
CA ALA B 26 -0.50 2.94 -11.79
C ALA B 26 0.94 2.46 -11.67
N LEU B 27 1.12 1.53 -10.75
CA LEU B 27 2.43 0.92 -10.48
C LEU B 27 2.10 -0.56 -10.48
N THR B 28 2.84 -1.32 -11.28
CA THR B 28 2.66 -2.76 -11.41
C THR B 28 4.01 -3.48 -11.52
N GLY B 29 4.15 -4.71 -11.01
CA GLY B 29 5.44 -5.37 -11.16
C GLY B 29 5.54 -6.57 -10.25
N THR B 30 6.77 -7.01 -9.97
CA THR B 30 7.06 -8.15 -9.15
C THR B 30 8.17 -7.82 -8.12
N TYR B 31 8.17 -8.50 -6.95
CA TYR B 31 9.14 -8.35 -5.88
C TYR B 31 9.70 -9.73 -5.60
N GLU B 32 10.99 -9.90 -5.38
CA GLU B 32 11.56 -11.19 -5.07
C GLU B 32 12.72 -10.98 -4.14
N SER B 33 12.80 -11.89 -3.17
CA SER B 33 13.85 -11.92 -2.12
C SER B 33 15.25 -12.20 -2.69
N ALA B 34 16.30 -12.09 -1.86
CA ALA B 34 17.67 -12.41 -2.27
C ALA B 34 17.69 -13.92 -2.58
N VAL B 35 18.75 -14.59 -3.05
CA VAL B 35 18.81 -16.03 -3.43
C VAL B 35 18.21 -15.93 -4.84
N GLY B 36 17.05 -15.32 -5.04
CA GLY B 36 16.43 -15.10 -6.34
C GLY B 36 15.92 -16.30 -7.11
N ASN B 37 15.74 -17.45 -6.46
CA ASN B 37 15.21 -18.64 -7.15
C ASN B 37 13.83 -18.21 -7.63
N ALA B 38 13.44 -18.52 -8.85
CA ALA B 38 12.16 -18.13 -9.42
C ALA B 38 10.79 -18.45 -8.87
N GLU B 39 10.62 -18.06 -7.61
CA GLU B 39 9.47 -18.09 -6.72
C GLU B 39 9.61 -18.09 -5.17
N SER B 40 10.16 -16.90 -5.26
CA SER B 40 10.56 -16.02 -4.21
C SER B 40 9.89 -14.78 -4.88
N ARG B 41 9.09 -14.92 -5.97
CA ARG B 41 8.47 -13.82 -6.67
C ARG B 41 7.02 -13.76 -6.29
N TYR B 42 6.69 -12.49 -6.05
CA TYR B 42 5.37 -12.08 -5.65
C TYR B 42 4.93 -10.87 -6.45
N VAL B 43 3.63 -10.79 -6.66
CA VAL B 43 2.97 -9.71 -7.36
C VAL B 43 2.78 -8.46 -6.45
N LEU B 44 2.95 -7.27 -7.04
CA LEU B 44 2.72 -6.03 -6.32
C LEU B 44 1.86 -5.09 -7.19
N THR B 45 1.09 -4.20 -6.57
CA THR B 45 0.33 -3.21 -7.28
C THR B 45 0.43 -1.93 -6.41
N GLY B 46 0.28 -0.73 -6.98
CA GLY B 46 0.35 0.55 -6.29
C GLY B 46 -0.01 1.76 -7.14
N ARG B 47 0.27 2.95 -6.62
CA ARG B 47 -0.02 4.25 -7.24
C ARG B 47 1.13 5.24 -6.97
N TYR B 48 1.27 6.27 -7.82
CA TYR B 48 2.29 7.32 -7.65
C TYR B 48 1.69 8.63 -8.20
N ASP B 49 2.22 9.77 -7.84
CA ASP B 49 1.71 11.03 -8.34
C ASP B 49 2.23 11.19 -9.77
N SER B 50 1.32 11.18 -10.78
CA SER B 50 1.68 11.30 -12.20
C SER B 50 1.96 12.74 -12.71
N ALA B 51 1.73 13.74 -11.89
CA ALA B 51 1.98 15.14 -12.20
C ALA B 51 2.67 15.79 -10.98
N PRO B 52 3.93 15.50 -10.67
CA PRO B 52 4.60 16.10 -9.52
C PRO B 52 4.88 17.61 -9.66
N ALA B 53 5.13 18.18 -8.48
CA ALA B 53 5.42 19.60 -8.35
C ALA B 53 6.73 19.93 -9.07
N THR B 54 6.79 21.14 -9.65
CA THR B 54 7.93 21.65 -10.39
C THR B 54 9.08 22.28 -9.61
N ASP B 55 8.93 22.45 -8.29
CA ASP B 55 10.02 22.96 -7.47
C ASP B 55 10.93 21.72 -7.30
N GLY B 56 11.96 21.71 -6.48
CA GLY B 56 12.81 20.51 -6.39
C GLY B 56 12.23 19.27 -5.68
N SER B 57 10.91 19.12 -5.55
CA SER B 57 10.29 17.99 -4.88
C SER B 57 10.37 16.59 -5.48
N GLY B 58 10.46 15.60 -4.55
CA GLY B 58 10.44 14.18 -4.90
C GLY B 58 8.99 13.78 -5.32
N THR B 59 8.81 12.61 -5.91
CA THR B 59 7.52 12.10 -6.42
C THR B 59 6.90 11.10 -5.42
N ALA B 60 5.77 11.37 -4.79
CA ALA B 60 5.14 10.49 -3.81
C ALA B 60 4.63 9.19 -4.47
N LEU B 61 4.84 8.04 -3.79
CA LEU B 61 4.42 6.76 -4.31
C LEU B 61 4.21 5.71 -3.21
N GLY B 62 3.58 4.57 -3.51
CA GLY B 62 3.40 3.53 -2.52
C GLY B 62 2.94 2.28 -3.22
N TRP B 63 3.11 1.10 -2.62
CA TRP B 63 2.68 -0.17 -3.23
C TRP B 63 2.48 -1.24 -2.13
N THR B 64 1.76 -2.31 -2.46
CA THR B 64 1.46 -3.44 -1.58
C THR B 64 1.89 -4.79 -2.19
N VAL B 65 2.33 -5.76 -1.38
CA VAL B 65 2.68 -7.13 -1.78
C VAL B 65 1.99 -8.01 -0.70
N ALA B 66 1.09 -8.91 -1.12
CA ALA B 66 0.47 -9.88 -0.20
C ALA B 66 1.45 -11.08 -0.43
N TRP B 67 1.93 -11.65 0.67
CA TRP B 67 2.91 -12.75 0.66
C TRP B 67 2.42 -14.18 0.43
N LYS B 68 1.73 -14.30 -0.71
CA LYS B 68 1.17 -15.56 -1.24
C LYS B 68 1.45 -15.65 -2.74
N ASN B 69 2.00 -16.80 -3.12
CA ASN B 69 2.23 -17.11 -4.52
C ASN B 69 1.84 -18.62 -4.73
N ASN B 70 2.30 -19.30 -5.76
CA ASN B 70 1.88 -20.68 -5.95
C ASN B 70 2.55 -21.74 -5.10
N TYR B 71 3.63 -21.34 -4.46
CA TYR B 71 4.43 -22.20 -3.66
C TYR B 71 4.28 -22.01 -2.17
N ARG B 72 4.21 -20.77 -1.68
CA ARG B 72 4.15 -20.43 -0.27
C ARG B 72 3.09 -19.40 0.02
N ASN B 73 2.57 -19.44 1.25
CA ASN B 73 1.59 -18.46 1.70
C ASN B 73 2.00 -18.08 3.14
N ALA B 74 2.60 -16.91 3.37
CA ALA B 74 3.03 -16.48 4.66
C ALA B 74 2.01 -15.71 5.49
N HIS B 75 0.73 -15.65 5.06
CA HIS B 75 -0.37 -14.96 5.74
C HIS B 75 -0.03 -13.57 6.36
N SER B 76 0.52 -12.72 5.49
CA SER B 76 0.96 -11.39 5.75
C SER B 76 0.95 -10.53 4.47
N ALA B 77 1.03 -9.19 4.63
CA ALA B 77 1.07 -8.23 3.52
C ALA B 77 1.97 -7.04 3.96
N THR B 78 2.78 -6.50 3.06
CA THR B 78 3.63 -5.37 3.32
C THR B 78 3.27 -4.18 2.43
N THR B 79 3.19 -2.95 2.98
CA THR B 79 2.93 -1.75 2.18
C THR B 79 4.16 -0.83 2.34
N TRP B 80 4.67 -0.26 1.27
CA TRP B 80 5.81 0.64 1.37
C TRP B 80 5.27 2.05 0.98
N SER B 81 5.61 3.15 1.65
CA SER B 81 5.14 4.48 1.31
C SER B 81 6.40 5.38 1.22
N GLY B 82 6.60 6.23 0.19
CA GLY B 82 7.81 7.04 0.17
C GLY B 82 7.82 8.00 -0.99
N GLN B 83 9.05 8.28 -1.42
CA GLN B 83 9.24 9.15 -2.55
C GLN B 83 10.52 8.87 -3.37
N TYR B 84 10.27 9.02 -4.64
CA TYR B 84 11.24 8.85 -5.70
C TYR B 84 12.01 10.16 -5.92
N VAL B 85 13.34 10.10 -6.09
CA VAL B 85 14.20 11.25 -6.34
C VAL B 85 15.10 10.90 -7.52
N GLY B 86 14.91 11.65 -8.60
CA GLY B 86 15.70 11.41 -9.81
C GLY B 86 17.02 12.20 -9.75
N GLY B 87 18.02 11.83 -10.51
CA GLY B 87 19.29 12.56 -10.49
C GLY B 87 20.31 11.66 -11.15
N ALA B 88 21.61 11.94 -11.02
CA ALA B 88 22.58 11.03 -11.64
C ALA B 88 22.60 9.73 -10.83
N GLU B 89 22.18 9.83 -9.58
CA GLU B 89 22.10 8.71 -8.65
C GLU B 89 20.65 8.66 -8.06
N ALA B 90 19.76 8.08 -8.85
CA ALA B 90 18.35 7.94 -8.50
C ALA B 90 18.08 6.97 -7.36
N ARG B 91 17.07 7.25 -6.54
CA ARG B 91 16.71 6.38 -5.43
C ARG B 91 15.27 6.57 -5.05
N ILE B 92 14.73 5.62 -4.32
CA ILE B 92 13.37 5.61 -3.83
C ILE B 92 13.61 5.37 -2.34
N ASN B 93 13.19 6.33 -1.52
CA ASN B 93 13.34 6.29 -0.07
C ASN B 93 11.97 5.95 0.53
N THR B 94 11.91 4.86 1.31
CA THR B 94 10.65 4.36 1.91
C THR B 94 10.68 3.91 3.37
N GLN B 95 9.48 3.77 3.94
CA GLN B 95 9.24 3.23 5.28
C GLN B 95 8.15 2.17 4.97
N TRP B 96 8.03 1.09 5.74
CA TRP B 96 7.03 0.07 5.42
C TRP B 96 6.35 -0.48 6.67
N LEU B 97 5.16 -1.09 6.48
CA LEU B 97 4.34 -1.71 7.52
C LEU B 97 4.04 -3.15 7.09
N LEU B 98 4.44 -4.13 7.92
CA LEU B 98 4.23 -5.54 7.65
C LEU B 98 3.18 -6.06 8.64
N THR B 99 1.95 -6.35 8.21
CA THR B 99 0.93 -6.90 9.10
C THR B 99 0.75 -8.39 8.84
N SER B 100 0.59 -9.18 9.89
CA SER B 100 0.37 -10.63 9.79
C SER B 100 -1.06 -10.94 10.18
N GLY B 101 -1.72 -11.96 9.60
CA GLY B 101 -3.07 -12.30 10.02
C GLY B 101 -2.91 -12.97 11.40
N THR B 102 -3.51 -12.45 12.48
CA THR B 102 -3.41 -13.01 13.83
C THR B 102 -4.80 -13.30 14.42
N THR B 103 -4.84 -13.95 15.59
CA THR B 103 -6.09 -14.14 16.29
C THR B 103 -6.29 -12.81 17.08
N GLU B 104 -7.47 -12.55 17.67
CA GLU B 104 -7.79 -11.36 18.46
C GLU B 104 -6.83 -11.04 19.60
N ALA B 105 -6.33 -12.09 20.23
CA ALA B 105 -5.39 -12.02 21.34
C ALA B 105 -4.01 -11.53 21.00
N ASN B 106 -3.60 -11.80 19.76
CA ASN B 106 -2.28 -11.37 19.37
C ASN B 106 -2.34 -10.17 18.46
N ALA B 107 -3.50 -9.54 18.34
CA ALA B 107 -3.66 -8.37 17.46
C ALA B 107 -2.72 -7.20 17.80
N TRP B 108 -2.42 -6.99 19.08
CA TRP B 108 -1.56 -5.90 19.45
C TRP B 108 -0.13 -6.02 18.95
N LYS B 109 0.34 -7.22 18.66
CA LYS B 109 1.70 -7.35 18.19
C LYS B 109 1.64 -7.87 16.74
N SER B 110 0.67 -7.45 15.95
CA SER B 110 0.56 -7.91 14.56
C SER B 110 1.44 -7.21 13.51
N THR B 111 1.86 -5.94 13.71
CA THR B 111 2.61 -5.12 12.75
C THR B 111 4.05 -4.67 13.02
N LEU B 112 4.91 -4.94 12.05
CA LEU B 112 6.28 -4.49 12.13
C LEU B 112 6.43 -3.24 11.24
N VAL B 113 7.40 -2.36 11.57
CA VAL B 113 7.68 -1.13 10.82
C VAL B 113 9.16 -1.08 10.49
N GLY B 114 9.54 -0.61 9.32
CA GLY B 114 10.94 -0.52 8.94
C GLY B 114 11.14 0.47 7.85
N HIS B 115 12.35 0.56 7.28
CA HIS B 115 12.60 1.51 6.21
C HIS B 115 13.54 0.85 5.19
N ASP B 116 13.49 1.24 3.91
CA ASP B 116 14.33 0.70 2.83
C ASP B 116 14.71 1.78 1.83
N THR B 117 15.90 1.68 1.22
CA THR B 117 16.33 2.62 0.21
C THR B 117 16.66 1.76 -0.98
N PHE B 118 15.95 2.00 -2.08
CA PHE B 118 16.13 1.28 -3.32
C PHE B 118 17.01 2.03 -4.32
N THR B 119 18.03 1.42 -4.93
CA THR B 119 18.87 2.06 -5.93
C THR B 119 18.92 1.12 -7.14
N LYS B 120 19.46 1.61 -8.24
CA LYS B 120 19.55 0.82 -9.46
C LYS B 120 20.84 0.04 -9.57
N VAL B 121 21.60 -0.08 -8.48
CA VAL B 121 22.88 -0.78 -8.41
C VAL B 121 22.62 -1.99 -7.51
C ACE C 1 -6.08 21.98 2.34
CH3 ACE C 1 -5.16 23.12 1.93
H1 ACE C 1 -5.30 22.89 2.05
N CYS C 2 -6.19 21.62 3.62
CA CYS C 2 -7.09 20.55 4.05
C CYS C 2 -6.92 19.31 3.18
N HIS C 3 -6.22 18.34 3.77
CA HIS C 3 -5.91 17.08 3.10
C HIS C 3 -7.17 16.25 2.98
N PRO C 4 -7.38 15.63 1.79
CA PRO C 4 -8.58 14.87 1.46
C PRO C 4 -8.74 13.50 2.12
N GLN C 5 -7.73 13.08 2.87
CA GLN C 5 -7.83 11.80 3.51
C GLN C 5 -8.95 11.87 4.54
N ASN C 6 -8.86 12.88 5.38
CA ASN C 6 -9.83 13.00 6.45
C ASN C 6 -10.41 14.41 6.45
N THR C 7 -11.47 14.68 7.20
CA THR C 7 -12.02 16.02 7.22
C THR C 7 -11.33 16.83 8.32
N NH2 C 8 -10.84 18.02 7.98
HN1 NH2 C 8 -10.37 18.55 8.66
HN2 NH2 C 8 -10.93 18.31 7.04
C ACE D 1 14.16 -17.38 8.26
O ACE D 1 14.77 -17.58 7.20
CH3 ACE D 1 14.90 -17.47 9.59
N CYS D 2 12.88 -17.02 8.26
CA CYS D 2 12.17 -16.87 7.00
C CYS D 2 10.76 -16.26 7.00
N HIS D 3 10.81 -15.15 6.31
CA HIS D 3 9.64 -14.38 5.98
C HIS D 3 10.13 -14.09 4.54
N PRO D 4 9.30 -14.12 3.46
CA PRO D 4 9.77 -13.88 2.11
C PRO D 4 10.36 -12.51 1.86
N GLN D 5 9.99 -11.50 2.64
CA GLN D 5 10.43 -10.13 2.41
C GLN D 5 11.93 -9.91 2.34
N ASN D 6 12.76 -10.50 3.17
CA ASN D 6 14.14 -10.22 2.97
C ASN D 6 14.80 -11.52 3.27
N THR D 7 15.77 -11.69 2.38
CA THR D 7 16.71 -12.82 2.23
C THR D 7 16.07 -14.19 2.43
N NH2 D 8 16.68 -15.15 3.11
HN1 NH2 D 8 16.21 -16.01 3.21
HN2 NH2 D 8 17.55 -14.99 3.52
#